data_8ILG
#
_entry.id   8ILG
#
_cell.length_a   69.033
_cell.length_b   81.422
_cell.length_c   92.594
_cell.angle_alpha   90.00
_cell.angle_beta   90.00
_cell.angle_gamma   90.00
#
_symmetry.space_group_name_H-M   'P 21 21 21'
#
loop_
_entity.id
_entity.type
_entity.pdbx_description
1 polymer 'Repair DNA polymerase X'
2 polymer "DNA (5'-D(*CP*GP*GP*AP*TP*CP*CP*G)-3')"
3 non-polymer 'MANGANESE (II) ION'
4 non-polymer 'FORMIC ACID'
5 water water
#
loop_
_entity_poly.entity_id
_entity_poly.type
_entity_poly.pdbx_seq_one_letter_code
_entity_poly.pdbx_strand_id
1 'polypeptide(L)'
;AGGMLTLIQGKKIVNHLRSRLAFEYNGQLIKILSKNIVAVGSLRREEKMLNDVDLLIIVPEKKLLKHVLPNIRIKGLSFS
VKVCGERKCVLFIEWEKKTYQLDLFTALAEEKPYAIFHFTGPVSYLIRIRAALKKKNYKLNQYGLFKNQTLVPLKITTEK
ELIKELGFTYRIPKKRL
;
A,B
2 'polydeoxyribonucleotide' (DC)(DG)(DG)(DA)(DT)(DC)(DC)(DG) D,E,C,F
#
# COMPACT_ATOMS: atom_id res chain seq x y z
C ALA A 1 2.82 -7.13 0.24
N GLY A 2 3.06 -8.07 -0.68
CA GLY A 2 2.06 -8.44 -1.67
C GLY A 2 2.15 -7.59 -2.93
N GLY A 3 1.93 -8.20 -4.09
CA GLY A 3 1.95 -7.47 -5.34
C GLY A 3 0.59 -6.84 -5.66
N MET A 4 0.57 -6.11 -6.77
CA MET A 4 -0.65 -5.47 -7.24
C MET A 4 -1.48 -6.43 -8.07
N LEU A 5 -2.80 -6.26 -8.00
CA LEU A 5 -3.75 -7.03 -8.76
C LEU A 5 -4.58 -6.11 -9.64
N THR A 6 -4.92 -6.58 -10.84
CA THR A 6 -5.97 -5.94 -11.59
C THR A 6 -7.32 -6.31 -10.98
N LEU A 7 -8.33 -5.48 -11.26
CA LEU A 7 -9.68 -5.80 -10.81
C LEU A 7 -10.07 -7.22 -11.21
N ILE A 8 -9.81 -7.59 -12.47
CA ILE A 8 -10.16 -8.94 -12.94
C ILE A 8 -9.42 -10.00 -12.15
N GLN A 9 -8.12 -9.80 -11.92
CA GLN A 9 -7.36 -10.76 -11.11
C GLN A 9 -7.93 -10.87 -9.70
N GLY A 10 -8.30 -9.73 -9.09
CA GLY A 10 -8.92 -9.79 -7.78
C GLY A 10 -10.20 -10.59 -7.75
N LYS A 11 -11.06 -10.42 -8.77
CA LYS A 11 -12.33 -11.15 -8.81
C LYS A 11 -12.10 -12.65 -9.02
N LYS A 12 -11.10 -13.02 -9.81
CA LYS A 12 -10.77 -14.44 -9.97
C LYS A 12 -10.34 -15.04 -8.63
N ILE A 13 -9.54 -14.30 -7.86
CA ILE A 13 -9.13 -14.81 -6.55
C ILE A 13 -10.34 -14.97 -5.65
N VAL A 14 -11.22 -13.96 -5.62
CA VAL A 14 -12.39 -14.03 -4.73
C VAL A 14 -13.30 -15.19 -5.11
N ASN A 15 -13.56 -15.37 -6.41
CA ASN A 15 -14.38 -16.49 -6.82
C ASN A 15 -13.75 -17.82 -6.39
N HIS A 16 -12.43 -17.94 -6.53
CA HIS A 16 -11.73 -19.16 -6.10
C HIS A 16 -11.89 -19.39 -4.60
N LEU A 17 -11.77 -18.32 -3.79
CA LEU A 17 -11.83 -18.48 -2.35
C LEU A 17 -13.24 -18.72 -1.81
N ARG A 18 -14.28 -18.35 -2.57
CA ARG A 18 -15.65 -18.44 -2.04
C ARG A 18 -16.02 -19.84 -1.59
N SER A 19 -15.46 -20.88 -2.19
CA SER A 19 -15.82 -22.24 -1.83
C SER A 19 -14.73 -22.93 -1.03
N ARG A 20 -13.66 -22.22 -0.68
CA ARG A 20 -12.45 -22.84 -0.15
C ARG A 20 -12.07 -22.31 1.22
N LEU A 21 -12.91 -21.49 1.86
CA LEU A 21 -12.59 -21.00 3.20
C LEU A 21 -13.26 -21.88 4.25
N ALA A 22 -12.51 -22.21 5.31
CA ALA A 22 -13.05 -22.98 6.42
C ALA A 22 -12.34 -22.57 7.71
N PHE A 23 -12.81 -23.10 8.83
CA PHE A 23 -12.11 -22.89 10.09
C PHE A 23 -12.25 -24.12 10.97
N GLU A 24 -11.26 -24.28 11.84
CA GLU A 24 -11.22 -25.39 12.78
C GLU A 24 -11.97 -25.03 14.06
N TYR A 25 -12.94 -25.85 14.44
CA TYR A 25 -13.69 -25.66 15.68
C TYR A 25 -13.62 -26.95 16.48
N ASN A 26 -12.93 -26.89 17.63
CA ASN A 26 -12.75 -28.06 18.50
C ASN A 26 -12.24 -29.26 17.71
N GLY A 27 -11.27 -29.03 16.82
CA GLY A 27 -10.66 -30.08 16.03
C GLY A 27 -11.41 -30.49 14.77
N GLN A 28 -12.53 -29.86 14.45
CA GLN A 28 -13.30 -30.20 13.27
C GLN A 28 -13.29 -29.04 12.27
N LEU A 29 -13.22 -29.37 10.98
CA LEU A 29 -13.22 -28.38 9.92
C LEU A 29 -14.65 -28.02 9.55
N ILE A 30 -14.99 -26.74 9.66
CA ILE A 30 -16.31 -26.23 9.32
C ILE A 30 -16.16 -25.25 8.17
N LYS A 31 -16.81 -25.54 7.05
CA LYS A 31 -16.65 -24.66 5.90
C LYS A 31 -17.51 -23.42 6.07
N ILE A 32 -16.98 -22.29 5.60
CA ILE A 32 -17.69 -21.03 5.63
C ILE A 32 -18.56 -20.93 4.39
N LEU A 33 -19.81 -20.52 4.57
CA LEU A 33 -20.74 -20.48 3.45
C LEU A 33 -20.45 -19.31 2.53
N SER A 34 -20.59 -19.54 1.22
CA SER A 34 -20.35 -18.49 0.24
C SER A 34 -21.23 -17.27 0.49
N LYS A 35 -22.50 -17.49 0.89
CA LYS A 35 -23.39 -16.38 1.23
C LYS A 35 -22.87 -15.55 2.40
N ASN A 36 -21.99 -16.10 3.23
CA ASN A 36 -21.45 -15.35 4.36
C ASN A 36 -20.09 -14.71 4.06
N ILE A 37 -19.74 -14.61 2.77
CA ILE A 37 -18.47 -14.02 2.35
C ILE A 37 -18.81 -12.86 1.42
N VAL A 38 -18.42 -11.65 1.82
CA VAL A 38 -18.74 -10.43 1.08
C VAL A 38 -17.45 -9.75 0.68
N ALA A 39 -17.28 -9.53 -0.64
CA ALA A 39 -16.15 -8.72 -1.11
C ALA A 39 -16.36 -7.27 -0.69
N VAL A 40 -15.32 -6.64 -0.14
CA VAL A 40 -15.48 -5.27 0.32
C VAL A 40 -14.26 -4.51 -0.16
N GLY A 41 -13.95 -3.37 0.49
CA GLY A 41 -12.74 -2.65 0.13
C GLY A 41 -12.73 -2.18 -1.32
N SER A 42 -11.53 -1.95 -1.84
CA SER A 42 -11.44 -1.32 -3.17
C SER A 42 -11.95 -2.25 -4.26
N LEU A 43 -11.89 -3.56 -4.03
CA LEU A 43 -12.49 -4.50 -4.96
C LEU A 43 -13.98 -4.27 -5.10
N ARG A 44 -14.69 -4.07 -3.98
CA ARG A 44 -16.11 -3.77 -4.08
C ARG A 44 -16.35 -2.43 -4.78
N ARG A 45 -15.46 -1.46 -4.57
CA ARG A 45 -15.56 -0.16 -5.26
C ARG A 45 -15.11 -0.20 -6.71
N GLU A 46 -14.72 -1.37 -7.23
CA GLU A 46 -14.40 -1.55 -8.65
C GLU A 46 -13.24 -0.66 -9.09
N GLU A 47 -12.26 -0.49 -8.21
CA GLU A 47 -11.05 0.19 -8.61
C GLU A 47 -10.25 -0.68 -9.58
N LYS A 48 -9.54 -0.02 -10.50
CA LYS A 48 -8.91 -0.74 -11.60
C LYS A 48 -7.71 -1.56 -11.13
N MET A 49 -6.96 -1.06 -10.15
CA MET A 49 -5.83 -1.78 -9.56
C MET A 49 -6.06 -1.91 -8.06
N LEU A 50 -5.66 -3.06 -7.49
CA LEU A 50 -5.88 -3.38 -6.09
C LEU A 50 -4.54 -3.60 -5.39
N ASN A 51 -4.41 -3.05 -4.19
CA ASN A 51 -3.25 -3.33 -3.36
C ASN A 51 -3.40 -4.65 -2.61
N ASP A 52 -4.62 -5.15 -2.49
CA ASP A 52 -4.94 -6.31 -1.68
C ASP A 52 -6.40 -6.66 -1.95
N VAL A 53 -6.82 -7.82 -1.46
CA VAL A 53 -8.21 -8.26 -1.55
C VAL A 53 -8.80 -8.31 -0.15
N ASP A 54 -9.93 -7.64 0.04
CA ASP A 54 -10.61 -7.58 1.33
C ASP A 54 -11.88 -8.41 1.29
N LEU A 55 -12.02 -9.32 2.27
CA LEU A 55 -13.22 -10.13 2.41
C LEU A 55 -13.80 -9.97 3.80
N LEU A 56 -15.11 -9.72 3.87
CA LEU A 56 -15.83 -9.67 5.13
C LEU A 56 -16.54 -11.00 5.29
N ILE A 57 -16.35 -11.61 6.46
CA ILE A 57 -16.96 -12.89 6.80
C ILE A 57 -18.02 -12.64 7.85
N ILE A 58 -19.25 -13.06 7.57
CA ILE A 58 -20.35 -12.90 8.50
C ILE A 58 -20.42 -14.16 9.35
N VAL A 59 -20.29 -13.98 10.66
CA VAL A 59 -20.24 -15.09 11.61
C VAL A 59 -21.62 -15.19 12.26
N PRO A 60 -22.31 -16.33 12.15
CA PRO A 60 -23.71 -16.38 12.59
C PRO A 60 -23.87 -16.35 14.10
N GLU A 61 -22.90 -16.89 14.86
CA GLU A 61 -23.01 -16.98 16.29
C GLU A 61 -21.80 -16.31 16.95
N LYS A 62 -22.06 -15.55 18.00
CA LYS A 62 -20.98 -14.88 18.73
C LYS A 62 -19.95 -15.87 19.28
N LYS A 63 -20.38 -17.07 19.68
CA LYS A 63 -19.43 -18.05 20.23
C LYS A 63 -18.34 -18.45 19.25
N LEU A 64 -18.53 -18.21 17.96
CA LEU A 64 -17.54 -18.66 16.98
C LEU A 64 -16.47 -17.63 16.69
N LEU A 65 -16.58 -16.42 17.23
CA LEU A 65 -15.59 -15.38 16.91
C LEU A 65 -14.20 -15.79 17.35
N LYS A 66 -14.09 -16.41 18.53
CA LYS A 66 -12.81 -16.94 19.00
C LYS A 66 -12.24 -18.01 18.08
N HIS A 67 -13.03 -18.55 17.16
CA HIS A 67 -12.64 -19.75 16.42
C HIS A 67 -12.42 -19.51 14.92
N VAL A 68 -13.13 -18.56 14.31
CA VAL A 68 -13.12 -18.47 12.86
C VAL A 68 -11.75 -17.99 12.37
N LEU A 69 -11.43 -16.72 12.58
CA LEU A 69 -10.17 -16.24 12.00
C LEU A 69 -8.93 -16.87 12.66
N PRO A 70 -8.86 -17.01 14.00
CA PRO A 70 -7.68 -17.66 14.59
C PRO A 70 -7.47 -19.10 14.14
N ASN A 71 -8.48 -19.72 13.53
CA ASN A 71 -8.31 -21.07 12.99
C ASN A 71 -8.66 -21.13 11.52
N ILE A 72 -8.39 -20.04 10.80
CA ILE A 72 -8.87 -19.95 9.42
C ILE A 72 -8.07 -20.91 8.55
N ARG A 73 -8.74 -21.45 7.52
CA ARG A 73 -8.09 -22.40 6.62
C ARG A 73 -8.51 -22.09 5.19
N ILE A 74 -7.58 -22.27 4.25
CA ILE A 74 -7.84 -22.07 2.83
C ILE A 74 -7.41 -23.34 2.09
N LYS A 75 -8.36 -24.02 1.47
CA LYS A 75 -8.06 -25.28 0.81
C LYS A 75 -7.13 -25.04 -0.38
N GLY A 76 -6.03 -25.77 -0.44
CA GLY A 76 -5.19 -25.74 -1.61
C GLY A 76 -4.07 -24.73 -1.62
N LEU A 77 -4.38 -23.46 -1.33
CA LEU A 77 -3.40 -22.40 -1.47
C LEU A 77 -2.51 -22.34 -0.24
N SER A 78 -1.20 -22.23 -0.46
CA SER A 78 -0.27 -21.97 0.62
C SER A 78 -0.32 -20.50 1.02
N PHE A 79 -0.18 -20.23 2.32
CA PHE A 79 -0.20 -18.84 2.75
C PHE A 79 0.52 -18.73 4.08
N SER A 80 0.83 -17.48 4.43
CA SER A 80 1.40 -17.13 5.72
C SER A 80 0.51 -16.10 6.41
N VAL A 81 0.58 -16.11 7.74
CA VAL A 81 -0.17 -15.17 8.57
C VAL A 81 0.75 -13.99 8.88
N LYS A 82 0.32 -12.80 8.54
CA LYS A 82 1.03 -11.60 8.97
C LYS A 82 0.56 -11.15 10.36
N VAL A 83 -0.74 -10.86 10.50
CA VAL A 83 -1.34 -10.54 11.79
C VAL A 83 -2.68 -11.26 11.84
N CYS A 84 -3.16 -11.58 13.04
CA CYS A 84 -4.46 -12.24 13.09
C CYS A 84 -5.05 -12.11 14.48
N GLY A 85 -6.33 -11.78 14.52
CA GLY A 85 -7.10 -11.74 15.74
C GLY A 85 -8.52 -12.19 15.46
N GLU A 86 -9.46 -11.91 16.36
CA GLU A 86 -10.82 -12.34 16.12
C GLU A 86 -11.51 -11.51 15.05
N ARG A 87 -11.05 -10.29 14.82
CA ARG A 87 -11.75 -9.35 13.94
C ARG A 87 -11.02 -9.02 12.66
N LYS A 88 -9.69 -9.14 12.64
CA LYS A 88 -8.92 -8.89 11.43
C LYS A 88 -7.80 -9.92 11.32
N CYS A 89 -7.63 -10.44 10.11
CA CYS A 89 -6.60 -11.42 9.81
C CYS A 89 -6.05 -11.05 8.44
N VAL A 90 -4.75 -10.77 8.38
CA VAL A 90 -4.05 -10.36 7.17
C VAL A 90 -3.17 -11.53 6.75
N LEU A 91 -3.46 -12.09 5.57
CA LEU A 91 -2.76 -13.26 5.06
C LEU A 91 -1.97 -12.87 3.82
N PHE A 92 -0.84 -13.54 3.59
CA PHE A 92 -0.08 -13.43 2.35
C PHE A 92 -0.24 -14.74 1.60
N ILE A 93 -1.07 -14.75 0.55
CA ILE A 93 -1.45 -15.98 -0.15
C ILE A 93 -0.63 -16.15 -1.43
N GLU A 94 -0.36 -17.41 -1.78
CA GLU A 94 0.29 -17.73 -3.04
C GLU A 94 -0.77 -17.99 -4.09
N TRP A 95 -0.67 -17.30 -5.22
CA TRP A 95 -1.63 -17.41 -6.31
C TRP A 95 -0.90 -17.27 -7.63
N GLU A 96 -0.93 -18.32 -8.44
CA GLU A 96 -0.27 -18.33 -9.75
C GLU A 96 1.18 -17.83 -9.62
N LYS A 97 1.90 -18.40 -8.66
CA LYS A 97 3.34 -18.19 -8.45
C LYS A 97 3.68 -16.79 -7.95
N LYS A 98 2.71 -16.04 -7.44
CA LYS A 98 2.97 -14.73 -6.87
C LYS A 98 2.28 -14.63 -5.51
N THR A 99 2.76 -13.70 -4.68
CA THR A 99 2.24 -13.47 -3.33
C THR A 99 1.34 -12.23 -3.32
N TYR A 100 0.15 -12.36 -2.73
CA TYR A 100 -0.78 -11.23 -2.60
C TYR A 100 -1.31 -11.11 -1.19
N GLN A 101 -1.69 -9.89 -0.80
CA GLN A 101 -2.26 -9.66 0.51
C GLN A 101 -3.76 -9.87 0.50
N LEU A 102 -4.23 -10.74 1.40
CA LEU A 102 -5.65 -11.02 1.61
C LEU A 102 -5.99 -10.57 3.03
N ASP A 103 -6.93 -9.62 3.14
CA ASP A 103 -7.41 -9.11 4.43
C ASP A 103 -8.77 -9.75 4.71
N LEU A 104 -8.89 -10.43 5.84
CA LEU A 104 -10.16 -11.00 6.27
C LEU A 104 -10.66 -10.25 7.49
N PHE A 105 -11.95 -9.93 7.50
CA PHE A 105 -12.60 -9.27 8.62
C PHE A 105 -13.87 -10.04 8.97
N THR A 106 -14.25 -9.99 10.24
CA THR A 106 -15.45 -10.68 10.68
C THR A 106 -16.48 -9.69 11.18
N ALA A 107 -17.74 -9.97 10.87
CA ALA A 107 -18.87 -9.25 11.45
C ALA A 107 -19.90 -10.25 11.96
N LEU A 108 -20.48 -9.95 13.11
CA LEU A 108 -21.63 -10.68 13.60
C LEU A 108 -22.88 -10.26 12.83
N ALA A 109 -23.91 -11.12 12.90
CA ALA A 109 -25.08 -10.95 12.04
C ALA A 109 -25.72 -9.57 12.19
N GLU A 110 -25.95 -9.12 13.42
CA GLU A 110 -26.59 -7.83 13.66
C GLU A 110 -25.70 -6.65 13.24
N GLU A 111 -24.39 -6.86 13.09
CA GLU A 111 -23.47 -5.82 12.66
C GLU A 111 -23.35 -5.70 11.14
N LYS A 112 -23.91 -6.65 10.40
CA LYS A 112 -23.58 -6.79 8.98
C LYS A 112 -23.69 -5.50 8.15
N PRO A 113 -24.81 -4.76 8.15
CA PRO A 113 -24.85 -3.52 7.34
C PRO A 113 -23.82 -2.48 7.78
N TYR A 114 -23.59 -2.32 9.10
CA TYR A 114 -22.58 -1.40 9.55
C TYR A 114 -21.20 -1.85 9.08
N ALA A 115 -20.94 -3.15 9.09
CA ALA A 115 -19.64 -3.66 8.66
C ALA A 115 -19.46 -3.49 7.16
N ILE A 116 -20.48 -3.80 6.36
CA ILE A 116 -20.37 -3.59 4.92
C ILE A 116 -20.08 -2.12 4.63
N PHE A 117 -20.81 -1.20 5.28
CA PHE A 117 -20.60 0.23 5.08
C PHE A 117 -19.15 0.62 5.42
N HIS A 118 -18.70 0.24 6.62
CA HIS A 118 -17.34 0.58 7.05
C HIS A 118 -16.30 -0.01 6.10
N PHE A 119 -16.38 -1.31 5.84
CA PHE A 119 -15.31 -1.95 5.08
C PHE A 119 -15.35 -1.63 3.59
N THR A 120 -16.48 -1.11 3.08
CA THR A 120 -16.49 -0.65 1.69
C THR A 120 -15.66 0.61 1.51
N GLY A 121 -15.61 1.50 2.51
CA GLY A 121 -14.81 2.70 2.39
C GLY A 121 -15.30 3.59 1.24
N PRO A 122 -14.40 4.41 0.65
CA PRO A 122 -13.01 4.61 1.07
C PRO A 122 -12.96 5.41 2.35
N VAL A 123 -11.77 5.51 2.94
CA VAL A 123 -11.59 6.17 4.23
C VAL A 123 -12.11 7.60 4.17
N SER A 124 -11.78 8.33 3.11
CA SER A 124 -12.16 9.74 3.03
C SER A 124 -13.66 9.92 3.12
N TYR A 125 -14.42 9.05 2.43
CA TYR A 125 -15.87 9.08 2.49
C TYR A 125 -16.37 8.85 3.92
N LEU A 126 -15.83 7.82 4.59
CA LEU A 126 -16.29 7.48 5.92
C LEU A 126 -16.01 8.60 6.91
N ILE A 127 -14.83 9.24 6.77
CA ILE A 127 -14.45 10.29 7.72
C ILE A 127 -15.43 11.45 7.69
N ARG A 128 -15.85 11.88 6.49
CA ARG A 128 -16.78 13.00 6.41
C ARG A 128 -18.16 12.63 6.94
N ILE A 129 -18.61 11.40 6.67
CA ILE A 129 -19.90 10.95 7.19
C ILE A 129 -19.86 10.87 8.70
N ARG A 130 -18.78 10.32 9.25
CA ARG A 130 -18.69 10.14 10.69
C ARG A 130 -18.52 11.48 11.39
N ALA A 131 -17.82 12.42 10.74
CA ALA A 131 -17.67 13.76 11.30
C ALA A 131 -19.00 14.47 11.41
N ALA A 132 -19.85 14.32 10.38
CA ALA A 132 -21.19 14.92 10.40
C ALA A 132 -22.04 14.34 11.52
N LEU A 133 -21.99 13.01 11.70
CA LEU A 133 -22.74 12.39 12.78
C LEU A 133 -22.18 12.80 14.14
N LYS A 134 -20.86 12.92 14.25
CA LYS A 134 -20.24 13.31 15.52
C LYS A 134 -20.76 14.66 16.00
N LYS A 135 -20.94 15.61 15.07
CA LYS A 135 -21.46 16.92 15.48
C LYS A 135 -22.91 16.85 15.94
N LYS A 136 -23.63 15.77 15.64
CA LYS A 136 -24.98 15.58 16.15
C LYS A 136 -25.02 14.62 17.34
N ASN A 137 -23.87 14.39 17.99
CA ASN A 137 -23.76 13.61 19.21
C ASN A 137 -23.89 12.10 18.95
N TYR A 138 -23.54 11.63 17.75
CA TYR A 138 -23.49 10.21 17.45
C TYR A 138 -22.06 9.74 17.26
N LYS A 139 -21.87 8.42 17.39
CA LYS A 139 -20.63 7.77 17.01
C LYS A 139 -20.99 6.59 16.13
N LEU A 140 -20.44 6.57 14.93
CA LEU A 140 -20.67 5.51 13.97
C LEU A 140 -19.40 4.68 13.82
N ASN A 141 -19.55 3.35 13.88
CA ASN A 141 -18.42 2.48 13.63
C ASN A 141 -18.91 1.21 12.91
N GLN A 142 -18.02 0.23 12.78
CA GLN A 142 -18.35 -0.97 12.02
C GLN A 142 -19.29 -1.89 12.78
N TYR A 143 -19.63 -1.54 14.01
CA TYR A 143 -20.48 -2.39 14.83
C TYR A 143 -21.89 -1.86 15.00
N GLY A 144 -22.13 -0.57 14.78
CA GLY A 144 -23.44 0.00 15.01
C GLY A 144 -23.35 1.52 15.08
N LEU A 145 -24.51 2.13 15.32
CA LEU A 145 -24.62 3.55 15.60
C LEU A 145 -24.80 3.73 17.11
N PHE A 146 -24.03 4.63 17.69
CA PHE A 146 -24.05 4.82 19.13
C PHE A 146 -24.33 6.26 19.48
N LYS A 147 -25.00 6.44 20.62
CA LYS A 147 -25.18 7.76 21.23
C LYS A 147 -24.86 7.63 22.71
N ASN A 148 -23.86 8.40 23.18
CA ASN A 148 -23.40 8.30 24.57
C ASN A 148 -23.00 6.86 24.90
N GLN A 149 -22.34 6.21 23.94
CA GLN A 149 -21.83 4.84 24.04
C GLN A 149 -22.92 3.81 24.27
N THR A 150 -24.17 4.12 23.94
CA THR A 150 -25.26 3.15 23.95
C THR A 150 -25.72 2.90 22.51
N LEU A 151 -25.82 1.63 22.13
CA LEU A 151 -26.28 1.28 20.78
C LEU A 151 -27.64 1.90 20.49
N VAL A 152 -27.74 2.57 19.34
CA VAL A 152 -29.02 3.09 18.83
C VAL A 152 -29.57 2.07 17.83
N PRO A 153 -30.61 1.33 18.15
CA PRO A 153 -31.12 0.33 17.20
C PRO A 153 -31.93 1.01 16.10
N LEU A 154 -31.57 0.76 14.85
CA LEU A 154 -32.20 1.35 13.68
C LEU A 154 -33.05 0.31 12.96
N LYS A 155 -34.17 0.76 12.38
CA LYS A 155 -35.10 -0.13 11.69
C LYS A 155 -34.63 -0.43 10.26
N ILE A 156 -33.45 -1.04 10.17
CA ILE A 156 -32.83 -1.29 8.88
C ILE A 156 -32.31 -2.73 8.83
N THR A 157 -32.12 -3.22 7.62
CA THR A 157 -31.54 -4.52 7.37
C THR A 157 -30.32 -4.46 6.47
N THR A 158 -30.37 -3.66 5.40
CA THR A 158 -29.33 -3.62 4.38
C THR A 158 -28.45 -2.39 4.57
N GLU A 159 -27.26 -2.44 3.94
CA GLU A 159 -26.37 -1.27 3.91
C GLU A 159 -27.07 -0.06 3.30
N LYS A 160 -27.84 -0.26 2.23
CA LYS A 160 -28.54 0.85 1.60
C LYS A 160 -29.52 1.49 2.58
N GLU A 161 -30.33 0.68 3.24
CA GLU A 161 -31.26 1.20 4.23
C GLU A 161 -30.51 1.95 5.34
N LEU A 162 -29.36 1.43 5.75
CA LEU A 162 -28.59 2.06 6.83
C LEU A 162 -28.11 3.44 6.43
N ILE A 163 -27.55 3.57 5.21
CA ILE A 163 -26.98 4.83 4.76
C ILE A 163 -28.05 5.91 4.70
N LYS A 164 -29.23 5.55 4.24
CA LYS A 164 -30.32 6.52 4.14
C LYS A 164 -30.90 6.86 5.51
N GLU A 165 -31.00 5.87 6.40
CA GLU A 165 -31.50 6.12 7.75
C GLU A 165 -30.60 7.05 8.55
N LEU A 166 -29.29 7.02 8.25
CA LEU A 166 -28.34 7.92 8.90
C LEU A 166 -28.47 9.36 8.39
N GLY A 167 -29.14 9.56 7.26
CA GLY A 167 -29.34 10.90 6.72
C GLY A 167 -28.50 11.20 5.49
N PHE A 168 -28.14 10.18 4.72
CA PHE A 168 -27.27 10.36 3.57
C PHE A 168 -27.87 9.69 2.35
N THR A 169 -27.62 10.27 1.17
CA THR A 169 -28.06 9.63 -0.07
C THR A 169 -27.20 8.41 -0.38
N TYR A 170 -27.84 7.33 -0.83
CA TYR A 170 -27.13 6.11 -1.19
C TYR A 170 -26.31 6.32 -2.45
N ARG A 171 -25.01 5.97 -2.40
CA ARG A 171 -24.15 5.88 -3.56
C ARG A 171 -23.70 4.45 -3.77
N ILE A 172 -23.64 4.03 -5.04
CA ILE A 172 -23.06 2.73 -5.33
C ILE A 172 -21.60 2.78 -4.93
N PRO A 173 -21.02 1.65 -4.52
CA PRO A 173 -19.65 1.66 -4.00
C PRO A 173 -18.63 2.39 -4.86
N LYS A 174 -18.69 2.22 -6.18
CA LYS A 174 -17.72 2.86 -7.07
C LYS A 174 -17.81 4.39 -7.03
N LYS A 175 -18.95 4.95 -6.61
CA LYS A 175 -19.09 6.40 -6.60
C LYS A 175 -18.82 7.01 -5.23
N ARG A 176 -18.42 6.21 -4.25
CA ARG A 176 -18.15 6.73 -2.91
C ARG A 176 -16.74 7.31 -2.86
N LEU A 177 -16.64 8.58 -2.49
CA LEU A 177 -15.37 9.27 -2.48
C LEU A 177 -15.42 10.39 -1.43
N GLY D 2 33.04 5.18 -11.45
CA GLY D 2 32.08 5.02 -12.52
C GLY D 2 32.19 6.06 -13.63
N GLY D 3 32.06 5.61 -14.87
CA GLY D 3 32.11 6.47 -16.03
C GLY D 3 30.74 7.02 -16.41
N MET D 4 30.73 7.82 -17.49
CA MET D 4 29.49 8.37 -18.00
C MET D 4 28.73 7.32 -18.80
N LEU D 5 27.41 7.42 -18.77
CA LEU D 5 26.48 6.54 -19.48
C LEU D 5 25.63 7.37 -20.44
N THR D 6 25.25 6.79 -21.58
CA THR D 6 24.16 7.39 -22.35
C THR D 6 22.82 7.10 -21.67
N LEU D 7 21.82 7.92 -22.00
CA LEU D 7 20.46 7.65 -21.55
C LEU D 7 20.04 6.23 -21.90
N ILE D 8 20.31 5.81 -23.14
CA ILE D 8 19.90 4.49 -23.60
C ILE D 8 20.56 3.40 -22.76
N GLN D 9 21.87 3.52 -22.52
CA GLN D 9 22.57 2.55 -21.69
C GLN D 9 21.98 2.49 -20.28
N GLY D 10 21.64 3.66 -19.71
CA GLY D 10 21.01 3.67 -18.40
C GLY D 10 19.70 2.90 -18.38
N LYS D 11 18.86 3.09 -19.41
CA LYS D 11 17.56 2.40 -19.44
C LYS D 11 17.74 0.90 -19.58
N LYS D 12 18.73 0.46 -20.37
CA LYS D 12 19.04 -0.96 -20.46
C LYS D 12 19.51 -1.51 -19.12
N ILE D 13 20.36 -0.77 -18.39
CA ILE D 13 20.80 -1.24 -17.08
C ILE D 13 19.60 -1.33 -16.13
N VAL D 14 18.73 -0.34 -16.17
CA VAL D 14 17.58 -0.35 -15.27
C VAL D 14 16.66 -1.53 -15.56
N ASN D 15 16.35 -1.75 -16.85
CA ASN D 15 15.49 -2.88 -17.18
C ASN D 15 16.13 -4.19 -16.74
N HIS D 16 17.45 -4.30 -16.90
CA HIS D 16 18.16 -5.50 -16.45
C HIS D 16 18.01 -5.70 -14.94
N LEU D 17 18.14 -4.63 -14.16
CA LEU D 17 18.12 -4.77 -12.71
C LEU D 17 16.73 -4.99 -12.16
N ARG D 18 15.68 -4.62 -12.90
CA ARG D 18 14.32 -4.64 -12.36
C ARG D 18 13.91 -6.02 -11.85
N SER D 19 14.47 -7.08 -12.43
CA SER D 19 14.14 -8.44 -12.06
C SER D 19 15.26 -9.12 -11.29
N ARG D 20 16.33 -8.39 -10.96
CA ARG D 20 17.56 -9.01 -10.46
C ARG D 20 18.01 -8.49 -9.10
N LEU D 21 17.21 -7.65 -8.44
CA LEU D 21 17.54 -7.13 -7.12
C LEU D 21 16.88 -7.94 -6.01
N ALA D 22 17.65 -8.22 -4.96
CA ALA D 22 17.14 -8.94 -3.81
C ALA D 22 17.92 -8.49 -2.58
N PHE D 23 17.50 -8.99 -1.42
CA PHE D 23 18.24 -8.76 -0.19
C PHE D 23 18.19 -10.01 0.66
N GLU D 24 19.21 -10.18 1.48
CA GLU D 24 19.31 -11.33 2.38
C GLU D 24 18.58 -11.01 3.67
N TYR D 25 17.59 -11.84 4.01
CA TYR D 25 16.85 -11.71 5.26
C TYR D 25 16.87 -13.05 5.98
N ASN D 26 17.51 -13.08 7.15
CA ASN D 26 17.64 -14.30 7.96
C ASN D 26 18.22 -15.46 7.14
N GLY D 27 19.24 -15.16 6.33
CA GLY D 27 19.89 -16.16 5.51
C GLY D 27 19.16 -16.52 4.23
N GLN D 28 18.03 -15.88 3.95
CA GLN D 28 17.21 -16.15 2.79
C GLN D 28 17.21 -14.96 1.83
N LEU D 29 17.22 -15.26 0.54
CA LEU D 29 17.18 -14.24 -0.49
C LEU D 29 15.72 -13.89 -0.77
N ILE D 30 15.36 -12.63 -0.57
CA ILE D 30 13.99 -12.17 -0.80
C ILE D 30 14.06 -11.21 -1.97
N LYS D 31 13.34 -11.51 -3.04
CA LYS D 31 13.40 -10.67 -4.23
C LYS D 31 12.61 -9.38 -4.04
N ILE D 32 13.16 -8.29 -4.56
CA ILE D 32 12.47 -6.99 -4.55
C ILE D 32 11.56 -6.95 -5.77
N LEU D 33 10.31 -6.53 -5.56
CA LEU D 33 9.34 -6.50 -6.65
C LEU D 33 9.61 -5.31 -7.57
N SER D 34 9.46 -5.54 -8.88
CA SER D 34 9.67 -4.47 -9.85
C SER D 34 8.76 -3.26 -9.60
N LYS D 35 7.51 -3.50 -9.17
CA LYS D 35 6.61 -2.38 -8.87
C LYS D 35 7.15 -1.47 -7.77
N ASN D 36 8.08 -1.98 -6.95
CA ASN D 36 8.70 -1.25 -5.85
C ASN D 36 10.06 -0.68 -6.22
N ILE D 37 10.38 -0.59 -7.50
CA ILE D 37 11.65 -0.05 -7.97
C ILE D 37 11.34 1.10 -8.93
N VAL D 38 11.75 2.32 -8.55
CA VAL D 38 11.42 3.51 -9.33
C VAL D 38 12.72 4.16 -9.80
N ALA D 39 12.87 4.32 -11.11
CA ALA D 39 13.99 5.09 -11.64
C ALA D 39 13.83 6.56 -11.29
N VAL D 40 14.89 7.17 -10.75
CA VAL D 40 14.83 8.58 -10.34
C VAL D 40 16.08 9.30 -10.84
N GLY D 41 16.41 10.44 -10.21
CA GLY D 41 17.62 11.14 -10.59
C GLY D 41 17.57 11.57 -12.06
N SER D 42 18.76 11.80 -12.62
CA SER D 42 18.79 12.38 -13.96
C SER D 42 18.27 11.42 -15.03
N LEU D 43 18.32 10.12 -14.78
CA LEU D 43 17.70 9.17 -15.70
C LEU D 43 16.20 9.42 -15.84
N ARG D 44 15.51 9.68 -14.72
CA ARG D 44 14.08 9.97 -14.80
C ARG D 44 13.83 11.29 -15.53
N ARG D 45 14.73 12.27 -15.38
CA ARG D 45 14.65 13.53 -16.11
C ARG D 45 15.09 13.44 -17.56
N GLU D 46 15.45 12.24 -18.05
CA GLU D 46 15.76 12.00 -19.47
C GLU D 46 16.95 12.83 -19.96
N GLU D 47 17.95 13.02 -19.10
CA GLU D 47 19.16 13.67 -19.58
C GLU D 47 19.89 12.73 -20.53
N LYS D 48 20.54 13.29 -21.55
CA LYS D 48 21.12 12.43 -22.60
C LYS D 48 22.35 11.69 -22.10
N MET D 49 23.10 12.28 -21.17
CA MET D 49 24.24 11.62 -20.56
C MET D 49 24.03 11.57 -19.06
N LEU D 50 24.45 10.46 -18.45
CA LEU D 50 24.23 10.19 -17.03
C LEU D 50 25.56 9.99 -16.32
N ASN D 51 25.69 10.56 -15.11
CA ASN D 51 26.84 10.32 -14.25
C ASN D 51 26.73 9.02 -13.47
N ASP D 52 25.52 8.49 -13.32
CA ASP D 52 25.21 7.34 -12.48
C ASP D 52 23.76 6.98 -12.76
N VAL D 53 23.34 5.84 -12.22
CA VAL D 53 21.93 5.43 -12.30
C VAL D 53 21.36 5.45 -10.89
N ASP D 54 20.23 6.15 -10.70
CA ASP D 54 19.58 6.25 -9.41
C ASP D 54 18.28 5.45 -9.39
N LEU D 55 18.13 4.56 -8.40
CA LEU D 55 16.92 3.78 -8.21
C LEU D 55 16.38 3.96 -6.80
N LEU D 56 15.07 4.20 -6.70
CA LEU D 56 14.37 4.29 -5.44
C LEU D 56 13.65 2.98 -5.18
N ILE D 57 13.89 2.37 -4.01
CA ILE D 57 13.29 1.08 -3.65
C ILE D 57 12.25 1.31 -2.57
N ILE D 58 11.03 0.85 -2.83
CA ILE D 58 9.93 1.01 -1.88
C ILE D 58 9.91 -0.21 -0.97
N VAL D 59 10.05 0.01 0.34
CA VAL D 59 10.15 -1.04 1.33
C VAL D 59 8.82 -1.14 2.07
N PRO D 60 8.15 -2.31 2.07
CA PRO D 60 6.78 -2.37 2.60
C PRO D 60 6.69 -2.19 4.11
N GLU D 61 7.71 -2.60 4.87
CA GLU D 61 7.64 -2.53 6.32
C GLU D 61 8.87 -1.82 6.87
N LYS D 62 8.64 -0.95 7.87
CA LYS D 62 9.77 -0.28 8.52
C LYS D 62 10.75 -1.29 9.09
N LYS D 63 10.26 -2.45 9.53
CA LYS D 63 11.11 -3.49 10.08
C LYS D 63 12.15 -4.01 9.09
N LEU D 64 11.96 -3.78 7.79
CA LEU D 64 12.89 -4.30 6.79
C LEU D 64 14.03 -3.34 6.44
N LEU D 65 14.00 -2.10 6.95
CA LEU D 65 15.02 -1.12 6.57
C LEU D 65 16.42 -1.57 6.98
N LYS D 66 16.55 -2.14 8.17
CA LYS D 66 17.84 -2.70 8.56
C LYS D 66 18.29 -3.84 7.65
N HIS D 67 17.43 -4.35 6.75
CA HIS D 67 17.75 -5.58 6.03
C HIS D 67 17.94 -5.39 4.54
N VAL D 68 17.27 -4.43 3.92
CA VAL D 68 17.29 -4.36 2.46
C VAL D 68 18.65 -3.91 1.95
N LEU D 69 18.98 -2.62 2.13
CA LEU D 69 20.22 -2.16 1.52
C LEU D 69 21.46 -2.77 2.16
N PRO D 70 21.54 -2.89 3.49
CA PRO D 70 22.74 -3.54 4.08
C PRO D 70 22.94 -4.98 3.63
N ASN D 71 21.93 -5.63 3.04
CA ASN D 71 22.06 -6.98 2.52
C ASN D 71 21.70 -7.07 1.05
N ILE D 72 21.95 -6.01 0.29
CA ILE D 72 21.45 -5.97 -1.08
C ILE D 72 22.24 -6.96 -1.93
N ARG D 73 21.55 -7.55 -2.91
CA ARG D 73 22.17 -8.50 -3.81
C ARG D 73 21.70 -8.22 -5.23
N ILE D 74 22.60 -8.41 -6.19
CA ILE D 74 22.28 -8.23 -7.61
C ILE D 74 22.67 -9.51 -8.34
N LYS D 75 21.68 -10.20 -8.91
CA LYS D 75 21.97 -11.46 -9.58
C LYS D 75 22.86 -11.22 -10.79
N GLY D 76 23.96 -11.94 -10.86
CA GLY D 76 24.81 -11.93 -12.05
C GLY D 76 25.90 -10.90 -12.11
N LEU D 77 25.58 -9.63 -11.83
CA LEU D 77 26.55 -8.57 -12.03
C LEU D 77 27.51 -8.49 -10.85
N SER D 78 28.78 -8.40 -11.14
CA SER D 78 29.78 -8.14 -10.12
C SER D 78 29.76 -6.65 -9.75
N PHE D 79 29.89 -6.36 -8.45
CA PHE D 79 29.91 -4.98 -7.98
C PHE D 79 30.68 -4.87 -6.67
N SER D 80 31.02 -3.63 -6.32
CA SER D 80 31.62 -3.28 -5.04
C SER D 80 30.75 -2.23 -4.35
N VAL D 81 30.82 -2.22 -3.02
CA VAL D 81 30.09 -1.25 -2.21
C VAL D 81 31.01 -0.06 -1.94
N LYS D 82 30.54 1.15 -2.27
CA LYS D 82 31.28 2.35 -1.88
C LYS D 82 30.86 2.79 -0.48
N VAL D 83 29.58 3.08 -0.31
CA VAL D 83 28.99 3.42 0.97
C VAL D 83 27.66 2.71 1.01
N CYS D 84 27.16 2.43 2.21
CA CYS D 84 25.86 1.78 2.30
C CYS D 84 25.30 1.92 3.71
N GLY D 85 24.02 2.27 3.78
CA GLY D 85 23.33 2.31 5.05
C GLY D 85 21.91 1.89 4.81
N GLU D 86 21.02 2.19 5.74
CA GLU D 86 19.65 1.76 5.58
C GLU D 86 18.92 2.59 4.53
N ARG D 87 19.40 3.81 4.26
CA ARG D 87 18.69 4.72 3.37
C ARG D 87 19.40 5.02 2.06
N LYS D 88 20.73 4.90 2.00
CA LYS D 88 21.44 5.13 0.75
C LYS D 88 22.55 4.10 0.60
N CYS D 89 22.69 3.55 -0.62
CA CYS D 89 23.73 2.56 -0.94
C CYS D 89 24.29 2.90 -2.32
N VAL D 90 25.59 3.13 -2.38
CA VAL D 90 26.29 3.52 -3.60
C VAL D 90 27.16 2.34 -4.02
N LEU D 91 26.87 1.78 -5.19
CA LEU D 91 27.56 0.61 -5.72
C LEU D 91 28.31 0.97 -6.99
N PHE D 92 29.42 0.26 -7.25
CA PHE D 92 30.12 0.34 -8.53
C PHE D 92 29.92 -0.99 -9.24
N ILE D 93 29.06 -1.01 -10.26
CA ILE D 93 28.64 -2.25 -10.91
C ILE D 93 29.41 -2.42 -12.20
N GLU D 94 29.65 -3.68 -12.56
CA GLU D 94 30.27 -4.02 -13.84
C GLU D 94 29.17 -4.26 -14.89
N TRP D 95 29.28 -3.58 -16.02
CA TRP D 95 28.30 -3.72 -17.10
C TRP D 95 29.03 -3.62 -18.41
N GLU D 96 28.93 -4.67 -19.22
CA GLU D 96 29.58 -4.74 -20.54
C GLU D 96 31.04 -4.29 -20.46
N LYS D 97 31.76 -4.86 -19.48
CA LYS D 97 33.19 -4.68 -19.30
C LYS D 97 33.59 -3.29 -18.83
N LYS D 98 32.66 -2.48 -18.32
CA LYS D 98 32.99 -1.18 -17.76
C LYS D 98 32.28 -1.00 -16.42
N THR D 99 32.80 -0.09 -15.60
CA THR D 99 32.27 0.15 -14.26
C THR D 99 31.42 1.43 -14.25
N TYR D 100 30.22 1.35 -13.65
CA TYR D 100 29.32 2.48 -13.54
C TYR D 100 28.81 2.59 -12.11
N GLN D 101 28.42 3.82 -11.73
CA GLN D 101 27.90 4.06 -10.39
C GLN D 101 26.39 3.86 -10.34
N LEU D 102 25.94 3.02 -9.42
CA LEU D 102 24.52 2.76 -9.17
C LEU D 102 24.22 3.22 -7.75
N ASP D 103 23.28 4.17 -7.61
CA ASP D 103 22.82 4.67 -6.32
C ASP D 103 21.46 4.07 -5.99
N LEU D 104 21.35 3.38 -4.86
CA LEU D 104 20.09 2.85 -4.37
C LEU D 104 19.65 3.64 -3.15
N PHE D 105 18.37 3.97 -3.10
CA PHE D 105 17.74 4.67 -1.99
C PHE D 105 16.46 3.96 -1.61
N THR D 106 16.10 4.03 -0.33
CA THR D 106 14.89 3.38 0.15
C THR D 106 13.89 4.39 0.68
N ALA D 107 12.62 4.12 0.41
CA ALA D 107 11.51 4.84 0.98
C ALA D 107 10.46 3.87 1.50
N LEU D 108 9.86 4.21 2.63
CA LEU D 108 8.68 3.52 3.14
C LEU D 108 7.44 3.95 2.34
N ALA D 109 6.38 3.14 2.43
CA ALA D 109 5.19 3.35 1.61
C ALA D 109 4.61 4.74 1.77
N GLU D 110 4.43 5.20 3.02
CA GLU D 110 3.87 6.51 3.26
C GLU D 110 4.78 7.64 2.77
N GLU D 111 6.07 7.38 2.58
CA GLU D 111 7.00 8.40 2.10
C GLU D 111 7.08 8.48 0.59
N LYS D 112 6.50 7.52 -0.13
CA LYS D 112 6.80 7.36 -1.55
C LYS D 112 6.66 8.64 -2.39
N PRO D 113 5.53 9.35 -2.38
CA PRO D 113 5.47 10.59 -3.21
C PRO D 113 6.50 11.64 -2.82
N TYR D 114 6.76 11.80 -1.51
CA TYR D 114 7.81 12.72 -1.09
C TYR D 114 9.17 12.26 -1.56
N ALA D 115 9.41 10.95 -1.54
CA ALA D 115 10.69 10.40 -1.97
C ALA D 115 10.88 10.53 -3.48
N ILE D 116 9.83 10.24 -4.26
CA ILE D 116 9.92 10.40 -5.71
C ILE D 116 10.23 11.85 -6.05
N PHE D 117 9.55 12.79 -5.40
CA PHE D 117 9.78 14.22 -5.63
C PHE D 117 11.22 14.59 -5.32
N HIS D 118 11.69 14.19 -4.13
CA HIS D 118 13.06 14.52 -3.73
C HIS D 118 14.08 13.93 -4.68
N PHE D 119 14.00 12.62 -4.94
CA PHE D 119 15.05 11.94 -5.70
C PHE D 119 14.99 12.20 -7.19
N THR D 120 13.87 12.69 -7.73
CA THR D 120 13.84 13.10 -9.13
C THR D 120 14.69 14.35 -9.37
N GLY D 121 14.74 15.25 -8.40
CA GLY D 121 15.52 16.46 -8.55
C GLY D 121 15.02 17.36 -9.69
N PRO D 122 15.91 18.18 -10.28
CA PRO D 122 17.31 18.38 -9.92
C PRO D 122 17.44 19.18 -8.61
N VAL D 123 18.66 19.21 -8.05
CA VAL D 123 18.87 19.90 -6.77
C VAL D 123 18.40 21.36 -6.86
N SER D 124 18.78 22.05 -7.93
CA SER D 124 18.44 23.47 -8.03
C SER D 124 16.93 23.71 -7.93
N TYR D 125 16.15 22.86 -8.60
CA TYR D 125 14.69 22.93 -8.53
C TYR D 125 14.20 22.75 -7.09
N LEU D 126 14.73 21.72 -6.41
CA LEU D 126 14.25 21.42 -5.05
C LEU D 126 14.56 22.55 -4.09
N ILE D 127 15.71 23.20 -4.26
CA ILE D 127 16.11 24.26 -3.32
C ILE D 127 15.14 25.43 -3.38
N ARG D 128 14.75 25.86 -4.59
CA ARG D 128 13.84 27.01 -4.68
C ARG D 128 12.47 26.67 -4.12
N ILE D 129 12.01 25.45 -4.34
CA ILE D 129 10.74 25.01 -3.80
C ILE D 129 10.81 24.94 -2.28
N ARG D 130 11.90 24.37 -1.76
CA ARG D 130 12.00 24.24 -0.31
C ARG D 130 12.17 25.60 0.34
N ALA D 131 12.89 26.51 -0.33
CA ALA D 131 13.02 27.87 0.21
C ALA D 131 11.66 28.54 0.29
N ALA D 132 10.81 28.35 -0.72
CA ALA D 132 9.48 28.95 -0.72
C ALA D 132 8.63 28.42 0.44
N LEU D 133 8.65 27.11 0.67
CA LEU D 133 7.88 26.54 1.78
C LEU D 133 8.42 26.98 3.14
N LYS D 134 9.75 27.03 3.27
CA LYS D 134 10.36 27.45 4.53
C LYS D 134 9.87 28.82 4.97
N LYS D 135 9.71 29.76 4.02
CA LYS D 135 9.23 31.09 4.36
C LYS D 135 7.79 31.08 4.84
N LYS D 136 7.05 30.01 4.54
CA LYS D 136 5.69 29.80 5.04
C LYS D 136 5.66 28.85 6.23
N ASN D 137 6.82 28.65 6.89
CA ASN D 137 6.93 27.89 8.13
C ASN D 137 6.73 26.40 7.92
N TYR D 138 7.09 25.91 6.73
CA TYR D 138 7.09 24.49 6.43
C TYR D 138 8.53 23.99 6.28
N LYS D 139 8.68 22.68 6.41
CA LYS D 139 9.92 21.99 6.06
C LYS D 139 9.54 20.81 5.19
N LEU D 140 10.06 20.77 3.98
CA LEU D 140 9.84 19.65 3.08
C LEU D 140 11.11 18.81 2.97
N ASN D 141 10.96 17.50 3.08
CA ASN D 141 12.10 16.61 2.84
C ASN D 141 11.60 15.35 2.14
N GLN D 142 12.49 14.37 1.99
CA GLN D 142 12.11 13.15 1.28
C GLN D 142 11.17 12.26 2.07
N TYR D 143 10.85 12.64 3.32
CA TYR D 143 10.00 11.84 4.19
C TYR D 143 8.60 12.39 4.35
N GLY D 144 8.38 13.67 4.09
CA GLY D 144 7.08 14.28 4.28
C GLY D 144 7.18 15.79 4.29
N LEU D 145 6.02 16.41 4.49
CA LEU D 145 5.93 17.84 4.73
C LEU D 145 5.70 18.04 6.22
N PHE D 146 6.48 18.93 6.84
CA PHE D 146 6.41 19.12 8.27
C PHE D 146 6.13 20.58 8.59
N LYS D 147 5.40 20.79 9.68
CA LYS D 147 5.18 22.12 10.23
C LYS D 147 5.48 22.05 11.71
N ASN D 148 6.45 22.83 12.16
CA ASN D 148 6.90 22.78 13.55
C ASN D 148 7.32 21.35 13.94
N GLN D 149 8.02 20.68 13.01
CA GLN D 149 8.57 19.33 13.18
C GLN D 149 7.50 18.28 13.42
N THR D 150 6.25 18.58 13.06
CA THR D 150 5.18 17.60 13.08
C THR D 150 4.70 17.35 11.65
N LEU D 151 4.57 16.07 11.30
CA LEU D 151 4.12 15.68 9.97
C LEU D 151 2.76 16.30 9.65
N VAL D 152 2.68 16.95 8.49
CA VAL D 152 1.42 17.46 7.96
C VAL D 152 0.81 16.36 7.10
N PRO D 153 -0.27 15.70 7.53
CA PRO D 153 -0.83 14.61 6.71
C PRO D 153 -1.64 15.20 5.57
N LEU D 154 -1.22 14.90 4.35
CA LEU D 154 -1.88 15.41 3.16
C LEU D 154 -2.67 14.29 2.50
N LYS D 155 -3.80 14.67 1.92
CA LYS D 155 -4.69 13.72 1.24
C LYS D 155 -4.21 13.51 -0.20
N ILE D 156 -3.02 12.94 -0.32
CA ILE D 156 -2.39 12.70 -1.62
C ILE D 156 -1.82 11.29 -1.64
N THR D 157 -1.65 10.77 -2.86
CA THR D 157 -1.04 9.47 -3.08
C THR D 157 0.16 9.53 -4.03
N THR D 158 0.06 10.32 -5.09
CA THR D 158 1.06 10.39 -6.14
C THR D 158 1.93 11.63 -6.00
N GLU D 159 3.10 11.58 -6.66
CA GLU D 159 4.00 12.74 -6.74
C GLU D 159 3.28 13.95 -7.35
N LYS D 160 2.50 13.72 -8.40
CA LYS D 160 1.77 14.83 -9.02
C LYS D 160 0.80 15.48 -8.04
N GLU D 161 0.01 14.67 -7.34
CA GLU D 161 -0.91 15.23 -6.35
C GLU D 161 -0.16 16.00 -5.26
N LEU D 162 1.01 15.50 -4.86
CA LEU D 162 1.80 16.16 -3.82
C LEU D 162 2.28 17.53 -4.27
N ILE D 163 2.85 17.61 -5.48
CA ILE D 163 3.43 18.85 -5.98
C ILE D 163 2.36 19.94 -6.07
N LYS D 164 1.17 19.57 -6.52
CA LYS D 164 0.10 20.54 -6.60
C LYS D 164 -0.44 20.90 -5.22
N GLU D 165 -0.52 19.93 -4.31
CA GLU D 165 -0.99 20.23 -2.97
C GLU D 165 -0.04 21.18 -2.24
N LEU D 166 1.25 21.11 -2.58
CA LEU D 166 2.24 22.03 -2.02
C LEU D 166 2.15 23.45 -2.58
N GLY D 167 1.42 23.65 -3.69
CA GLY D 167 1.26 24.95 -4.28
C GLY D 167 2.08 25.23 -5.52
N PHE D 168 2.45 24.19 -6.27
CA PHE D 168 3.30 24.32 -7.45
C PHE D 168 2.66 23.62 -8.64
N THR D 169 2.86 24.17 -9.82
CA THR D 169 2.40 23.52 -11.04
C THR D 169 3.24 22.28 -11.31
N TYR D 170 2.56 21.20 -11.65
CA TYR D 170 3.26 19.97 -11.99
C TYR D 170 4.02 20.13 -13.30
N ARG D 171 5.32 19.80 -13.29
CA ARG D 171 6.13 19.68 -14.49
C ARG D 171 6.55 18.23 -14.64
N ILE D 172 6.60 17.76 -15.89
CA ILE D 172 7.15 16.44 -16.15
C ILE D 172 8.62 16.48 -15.73
N PRO D 173 9.18 15.35 -15.28
CA PRO D 173 10.57 15.37 -14.80
C PRO D 173 11.55 16.06 -15.74
N LYS D 174 11.44 15.83 -17.05
CA LYS D 174 12.39 16.42 -17.99
C LYS D 174 12.40 17.95 -17.95
N LYS D 175 11.30 18.58 -17.55
CA LYS D 175 11.22 20.04 -17.57
C LYS D 175 11.54 20.66 -16.21
N ARG D 176 11.96 19.86 -15.23
CA ARG D 176 12.28 20.43 -13.93
C ARG D 176 13.70 20.98 -13.95
N LEU D 177 13.77 22.22 -13.49
CA LEU D 177 15.07 22.92 -13.48
C LEU D 177 14.95 24.15 -12.58
#